data_6UNE
#
_entry.id   6UNE
#
_cell.length_a   77.089
_cell.length_b   101.510
_cell.length_c   126.250
_cell.angle_alpha   90.000
_cell.angle_beta   90.000
_cell.angle_gamma   90.000
#
_symmetry.space_group_name_H-M   'I 2 2 2'
#
loop_
_entity.id
_entity.type
_entity.pdbx_description
1 polymer 'Cytochrome P450 3A4'
2 non-polymer 'PROTOPORPHYRIN IX CONTAINING FE'
3 non-polymer 'tert-butyl [(2R)-1-(1H-indol-3-yl)-3-{[(2S)-3-oxo-2-(phenylamino)-3-{[(pyridin-3-yl)methyl]amino}propyl]sulfanyl}propan-2-yl]carbamate'
#
_entity_poly.entity_id   1
_entity_poly.type   'polypeptide(L)'
_entity_poly.pdbx_seq_one_letter_code
;MAYLYGTHSHGLFKKLGIPGPTPLPFLGNILSYHKGFCMFDMECHKKYGKVWGFYDGQQPVLAITDPDMIKTVLVKECYS
VFTNRRPFGPVGFMKSAISIAEDEEWKRLRSLLSPTFTSGKLKEMVPIIAQYGDVLVRNLRREAETGKPVTLKDVFGAYS
MDVITSTSFGVNIDSLNNPQDPFVENTKKLLRFDFLDPFFLSITVFPFLIPILEVLNICVFPREVTNFLRKSVKRMKESR
LEDTQKHRVDFLQLMIDSQNSKETESHKALSDLELVAQSIIFIFAGYETTSSVLSFIMYELATHPDVQQKLQEEIDAVLP
NKAPPTYDTVLQMEYLDMVVNETLRLFPIAMRLERVCKKDVEINGMFIPKGVVVMIPSYALHRDPKYWTEPEKFLPERFS
KKNKDNIDPYIYTPFGSGPRNCIGMRFALMNMKLALIRVLQNFSFKPCKETQIPLKLSLGGLLQPEKPVVLKVESRDGTV
SGAHHHH
;
_entity_poly.pdbx_strand_id   A
#
loop_
_chem_comp.id
_chem_comp.type
_chem_comp.name
_chem_comp.formula
HEM non-polymer 'PROTOPORPHYRIN IX CONTAINING FE' 'C34 H32 Fe N4 O4'
QES non-polymer 'tert-butyl [(2R)-1-(1H-indol-3-yl)-3-{[(2S)-3-oxo-2-(phenylamino)-3-{[(pyridin-3-yl)methyl]amino}propyl]sulfanyl}propan-2-yl]carbamate' 'C31 H37 N5 O3 S'
#
# COMPACT_ATOMS: atom_id res chain seq x y z
N SER A 9 -28.76 17.63 -1.32
CA SER A 9 -27.35 17.28 -1.47
C SER A 9 -27.15 16.05 -2.37
N HIS A 10 -28.15 15.16 -2.41
CA HIS A 10 -28.09 13.95 -3.20
C HIS A 10 -28.53 14.16 -4.63
N GLY A 11 -28.75 15.40 -5.04
CA GLY A 11 -29.13 15.72 -6.40
C GLY A 11 -28.01 16.16 -7.30
N LEU A 12 -26.76 16.06 -6.86
CA LEU A 12 -25.66 16.65 -7.61
C LEU A 12 -25.44 15.92 -8.94
N PHE A 13 -25.13 14.63 -8.87
CA PHE A 13 -24.85 13.88 -10.09
C PHE A 13 -26.10 13.75 -10.96
N LYS A 14 -27.28 13.80 -10.34
CA LYS A 14 -28.53 13.84 -11.10
C LYS A 14 -28.63 15.11 -11.93
N LYS A 15 -27.99 16.20 -11.47
CA LYS A 15 -27.98 17.47 -12.20
C LYS A 15 -26.91 17.51 -13.27
N LEU A 16 -25.69 17.06 -12.94
CA LEU A 16 -24.54 17.21 -13.83
C LEU A 16 -24.65 16.32 -15.06
N GLY A 17 -25.69 15.48 -15.08
CA GLY A 17 -25.88 14.53 -16.15
C GLY A 17 -25.03 13.28 -16.05
N ILE A 18 -24.42 13.04 -14.89
CA ILE A 18 -23.55 11.90 -14.64
C ILE A 18 -24.39 10.75 -14.10
N PRO A 19 -24.28 9.54 -14.64
CA PRO A 19 -25.09 8.42 -14.14
C PRO A 19 -24.52 7.81 -12.87
N GLY A 20 -25.39 7.09 -12.16
CA GLY A 20 -25.00 6.43 -10.92
C GLY A 20 -26.16 5.75 -10.21
N PRO A 21 -25.84 4.91 -9.23
CA PRO A 21 -26.91 4.22 -8.47
C PRO A 21 -27.64 5.19 -7.54
N THR A 22 -28.91 4.87 -7.31
CA THR A 22 -29.80 5.77 -6.58
C THR A 22 -29.43 5.79 -5.11
N PRO A 23 -29.10 6.95 -4.53
CA PRO A 23 -28.68 6.99 -3.12
C PRO A 23 -29.88 7.01 -2.18
N LEU A 24 -29.72 6.33 -1.06
CA LEU A 24 -30.75 6.38 -0.04
C LEU A 24 -30.54 7.58 0.86
N PRO A 25 -31.62 8.09 1.49
CA PRO A 25 -31.45 9.20 2.44
C PRO A 25 -30.44 8.86 3.53
N PHE A 26 -29.54 9.82 3.79
CA PHE A 26 -28.47 9.71 4.78
C PHE A 26 -27.39 8.69 4.42
N LEU A 27 -27.78 7.46 4.08
CA LEU A 27 -26.78 6.43 3.79
C LEU A 27 -26.08 6.66 2.45
N GLY A 28 -26.73 7.34 1.52
CA GLY A 28 -26.16 7.43 0.19
C GLY A 28 -26.19 6.06 -0.46
N ASN A 29 -25.06 5.64 -1.01
CA ASN A 29 -24.96 4.35 -1.67
C ASN A 29 -24.17 3.33 -0.86
N ILE A 30 -24.01 3.54 0.44
CA ILE A 30 -23.02 2.76 1.16
C ILE A 30 -23.52 1.36 1.46
N LEU A 31 -24.83 1.12 1.41
CA LEU A 31 -25.28 -0.26 1.50
C LEU A 31 -24.70 -1.10 0.38
N SER A 32 -24.34 -0.47 -0.75
CA SER A 32 -23.74 -1.17 -1.88
C SER A 32 -22.28 -1.55 -1.64
N TYR A 33 -21.70 -1.21 -0.49
CA TYR A 33 -20.39 -1.67 -0.09
C TYR A 33 -20.42 -3.04 0.59
N HIS A 34 -21.57 -3.71 0.61
CA HIS A 34 -21.70 -4.96 1.35
C HIS A 34 -20.80 -6.05 0.79
N LYS A 35 -20.53 -6.02 -0.52
CA LYS A 35 -19.58 -6.94 -1.12
C LYS A 35 -18.17 -6.35 -1.19
N GLY A 36 -17.92 -5.24 -0.49
CA GLY A 36 -16.63 -4.60 -0.50
C GLY A 36 -16.49 -3.63 -1.67
N PHE A 37 -15.56 -2.69 -1.50
CA PHE A 37 -15.32 -1.65 -2.51
C PHE A 37 -15.06 -2.27 -3.88
N CYS A 38 -14.25 -3.32 -3.92
CA CYS A 38 -13.79 -3.87 -5.19
C CYS A 38 -14.97 -4.29 -6.06
N MET A 39 -15.82 -5.17 -5.54
CA MET A 39 -16.95 -5.67 -6.32
C MET A 39 -17.91 -4.56 -6.71
N PHE A 40 -18.03 -3.52 -5.87
CA PHE A 40 -18.94 -2.41 -6.18
C PHE A 40 -18.39 -1.54 -7.31
N ASP A 41 -17.10 -1.22 -7.27
CA ASP A 41 -16.49 -0.48 -8.36
C ASP A 41 -16.61 -1.24 -9.69
N MET A 42 -16.39 -2.55 -9.68
CA MET A 42 -16.49 -3.32 -10.92
CA MET A 42 -16.49 -3.32 -10.92
C MET A 42 -17.90 -3.24 -11.49
N GLU A 43 -18.91 -3.48 -10.66
CA GLU A 43 -20.29 -3.41 -11.13
C GLU A 43 -20.63 -2.03 -11.68
N CYS A 44 -20.19 -0.97 -11.00
CA CYS A 44 -20.45 0.38 -11.48
C CYS A 44 -19.75 0.63 -12.82
N HIS A 45 -18.47 0.27 -12.90
CA HIS A 45 -17.75 0.33 -14.17
C HIS A 45 -18.51 -0.41 -15.26
N LYS A 46 -19.13 -1.53 -14.91
CA LYS A 46 -19.86 -2.34 -15.87
C LYS A 46 -21.17 -1.66 -16.27
N LYS A 47 -22.03 -1.35 -15.29
CA LYS A 47 -23.34 -0.80 -15.60
C LYS A 47 -23.24 0.57 -16.26
N TYR A 48 -22.28 1.40 -15.86
CA TYR A 48 -22.34 2.83 -16.14
C TYR A 48 -21.32 3.33 -17.16
N GLY A 49 -20.11 2.80 -17.17
CA GLY A 49 -19.18 3.18 -18.23
C GLY A 49 -17.91 3.91 -17.81
N LYS A 50 -17.60 5.01 -18.50
CA LYS A 50 -16.32 5.70 -18.32
C LYS A 50 -16.33 6.66 -17.13
N VAL A 51 -17.49 7.16 -16.71
CA VAL A 51 -17.63 8.09 -15.60
CA VAL A 51 -17.62 8.07 -15.59
C VAL A 51 -18.95 7.81 -14.91
N TRP A 52 -18.94 7.77 -13.57
CA TRP A 52 -20.17 7.59 -12.81
C TRP A 52 -20.00 8.23 -11.44
N GLY A 53 -21.08 8.20 -10.65
CA GLY A 53 -21.09 8.84 -9.35
C GLY A 53 -21.84 8.02 -8.33
N PHE A 54 -21.57 8.32 -7.05
CA PHE A 54 -22.27 7.73 -5.92
C PHE A 54 -22.03 8.63 -4.70
N TYR A 55 -22.59 8.23 -3.56
CA TYR A 55 -22.56 9.05 -2.35
C TYR A 55 -22.14 8.23 -1.15
N ASP A 56 -21.03 8.63 -0.53
CA ASP A 56 -20.64 8.12 0.79
C ASP A 56 -21.35 9.00 1.80
N GLY A 57 -22.54 8.58 2.23
CA GLY A 57 -23.38 9.44 3.03
C GLY A 57 -23.87 10.59 2.18
N GLN A 58 -23.57 11.83 2.58
CA GLN A 58 -23.86 13.00 1.76
C GLN A 58 -22.65 13.46 0.97
N GLN A 59 -21.61 12.64 0.88
CA GLN A 59 -20.38 13.00 0.20
C GLN A 59 -20.43 12.54 -1.25
N PRO A 60 -20.40 13.44 -2.23
CA PRO A 60 -20.36 13.00 -3.63
C PRO A 60 -18.98 12.47 -4.01
N VAL A 61 -18.99 11.37 -4.76
CA VAL A 61 -17.77 10.74 -5.26
C VAL A 61 -17.93 10.49 -6.75
N LEU A 62 -17.02 11.02 -7.55
CA LEU A 62 -17.03 10.84 -9.00
C LEU A 62 -15.91 9.88 -9.39
N ALA A 63 -16.27 8.71 -9.92
CA ALA A 63 -15.29 7.78 -10.45
C ALA A 63 -15.03 8.10 -11.92
N ILE A 64 -13.74 8.12 -12.28
CA ILE A 64 -13.30 8.43 -13.64
C ILE A 64 -12.35 7.33 -14.10
N THR A 65 -12.48 6.93 -15.37
CA THR A 65 -11.66 5.86 -15.91
C THR A 65 -10.98 6.22 -17.23
N ASP A 66 -10.99 7.48 -17.63
CA ASP A 66 -10.30 7.89 -18.85
C ASP A 66 -8.86 8.24 -18.50
N PRO A 67 -7.87 7.60 -19.13
CA PRO A 67 -6.47 7.81 -18.70
C PRO A 67 -5.97 9.23 -18.94
N ASP A 68 -6.51 9.93 -19.94
CA ASP A 68 -6.18 11.35 -20.08
C ASP A 68 -6.73 12.16 -18.92
N MET A 69 -7.99 11.92 -18.56
CA MET A 69 -8.60 12.61 -17.43
C MET A 69 -7.89 12.26 -16.13
N ILE A 70 -7.40 11.02 -16.01
CA ILE A 70 -6.70 10.62 -14.79
C ILE A 70 -5.35 11.33 -14.69
N LYS A 71 -4.64 11.45 -15.81
CA LYS A 71 -3.36 12.16 -15.79
C LYS A 71 -3.56 13.63 -15.40
N THR A 72 -4.67 14.22 -15.85
CA THR A 72 -4.98 15.61 -15.48
C THR A 72 -5.12 15.75 -13.97
N VAL A 73 -5.79 14.78 -13.33
CA VAL A 73 -6.05 14.86 -11.89
C VAL A 73 -4.78 14.53 -11.12
N LEU A 74 -4.17 13.40 -11.42
CA LEU A 74 -3.02 12.96 -10.65
C LEU A 74 -1.77 13.76 -10.95
N VAL A 75 -1.69 14.42 -12.11
CA VAL A 75 -0.46 15.13 -12.47
C VAL A 75 -0.73 16.58 -12.86
N LYS A 76 -1.39 16.78 -14.00
CA LYS A 76 -1.45 18.09 -14.63
C LYS A 76 -2.00 19.15 -13.68
N GLU A 77 -3.13 18.88 -13.04
CA GLU A 77 -3.77 19.83 -12.15
C GLU A 77 -3.68 19.39 -10.70
N CYS A 78 -2.59 18.71 -10.34
CA CYS A 78 -2.46 18.22 -8.97
C CYS A 78 -2.27 19.37 -7.99
N TYR A 79 -1.34 20.27 -8.29
CA TYR A 79 -1.06 21.37 -7.37
C TYR A 79 -2.20 22.37 -7.34
N SER A 80 -2.78 22.68 -8.50
CA SER A 80 -3.85 23.67 -8.54
C SER A 80 -5.10 23.16 -7.85
N VAL A 81 -5.59 21.99 -8.26
CA VAL A 81 -6.93 21.54 -7.92
C VAL A 81 -6.92 20.32 -7.03
N PHE A 82 -6.38 19.21 -7.53
CA PHE A 82 -6.51 17.91 -6.88
C PHE A 82 -5.21 17.63 -6.12
N THR A 83 -5.14 18.17 -4.91
CA THR A 83 -3.92 18.22 -4.12
C THR A 83 -3.97 17.32 -2.89
N ASN A 84 -5.14 17.21 -2.25
CA ASN A 84 -5.31 16.42 -1.05
C ASN A 84 -6.28 15.27 -1.31
N ARG A 85 -6.28 14.32 -0.38
CA ARG A 85 -7.19 13.19 -0.44
C ARG A 85 -8.38 13.50 0.46
N ARG A 86 -9.28 12.53 0.57
CA ARG A 86 -10.50 12.76 1.33
C ARG A 86 -10.16 13.03 2.79
N PRO A 87 -10.77 14.02 3.43
CA PRO A 87 -10.49 14.27 4.84
C PRO A 87 -10.68 13.02 5.68
N PHE A 88 -9.69 12.72 6.50
CA PHE A 88 -9.63 11.50 7.29
C PHE A 88 -9.55 11.88 8.75
N GLY A 89 -10.39 11.26 9.57
CA GLY A 89 -10.43 11.59 10.97
C GLY A 89 -11.16 10.57 11.80
N PRO A 90 -11.05 10.67 13.13
CA PRO A 90 -10.23 11.69 13.80
C PRO A 90 -8.76 11.27 13.83
N VAL A 91 -7.84 12.22 13.73
CA VAL A 91 -6.42 11.88 13.61
C VAL A 91 -5.56 12.46 14.72
N GLY A 92 -6.02 13.46 15.46
CA GLY A 92 -5.22 14.00 16.54
C GLY A 92 -3.90 14.56 16.01
N PHE A 93 -2.83 14.33 16.78
CA PHE A 93 -1.51 14.83 16.39
C PHE A 93 -1.00 14.21 15.10
N MET A 94 -1.64 13.15 14.60
CA MET A 94 -1.27 12.55 13.32
C MET A 94 -1.74 13.36 12.11
N LYS A 95 -2.24 14.58 12.33
CA LYS A 95 -2.58 15.45 11.22
C LYS A 95 -1.36 15.83 10.40
N SER A 96 -0.18 15.88 11.04
CA SER A 96 1.05 16.32 10.39
C SER A 96 1.78 15.18 9.67
N ALA A 97 1.14 14.04 9.47
CA ALA A 97 1.75 12.97 8.69
C ALA A 97 1.58 13.24 7.21
N ILE A 98 2.66 13.02 6.44
CA ILE A 98 2.70 13.45 5.04
C ILE A 98 1.46 12.98 4.28
N SER A 99 1.08 11.72 4.45
CA SER A 99 -0.05 11.19 3.69
C SER A 99 -1.37 11.81 4.10
N ILE A 100 -1.43 12.47 5.25
CA ILE A 100 -2.67 13.08 5.73
C ILE A 100 -2.64 14.59 5.52
N ALA A 101 -1.45 15.20 5.52
CA ALA A 101 -1.32 16.65 5.50
C ALA A 101 -1.85 17.21 4.19
N GLU A 102 -2.06 18.53 4.19
CA GLU A 102 -2.79 19.17 3.10
C GLU A 102 -2.05 20.39 2.57
N ASP A 103 -2.10 20.57 1.25
CA ASP A 103 -1.75 21.81 0.58
C ASP A 103 -0.32 22.19 0.93
N GLU A 104 -0.06 23.38 1.47
CA GLU A 104 1.31 23.84 1.61
C GLU A 104 2.07 23.06 2.68
N GLU A 105 1.36 22.54 3.67
CA GLU A 105 2.04 21.75 4.69
C GLU A 105 2.39 20.36 4.17
N TRP A 106 1.58 19.81 3.27
CA TRP A 106 2.00 18.60 2.56
C TRP A 106 3.21 18.88 1.70
N LYS A 107 3.16 19.97 0.93
CA LYS A 107 4.26 20.31 0.03
C LYS A 107 5.57 20.49 0.80
N ARG A 108 5.51 21.15 1.96
CA ARG A 108 6.71 21.30 2.79
C ARG A 108 7.23 19.95 3.27
N LEU A 109 6.33 19.08 3.73
CA LEU A 109 6.74 17.78 4.26
C LEU A 109 7.26 16.87 3.16
N ARG A 110 6.55 16.79 2.05
CA ARG A 110 6.97 15.97 0.92
C ARG A 110 8.40 16.31 0.51
N SER A 111 8.74 17.60 0.52
CA SER A 111 10.10 18.01 0.19
C SER A 111 11.10 17.59 1.27
N LEU A 112 10.79 17.90 2.53
CA LEU A 112 11.70 17.55 3.62
C LEU A 112 11.90 16.05 3.74
N LEU A 113 11.01 15.24 3.18
CA LEU A 113 11.09 13.79 3.25
C LEU A 113 11.44 13.13 1.92
N SER A 114 11.51 13.89 0.82
CA SER A 114 11.81 13.27 -0.47
C SER A 114 13.22 12.71 -0.56
N PRO A 115 14.29 13.43 -0.17
CA PRO A 115 15.64 12.88 -0.35
C PRO A 115 15.85 11.58 0.39
N THR A 116 15.03 11.30 1.40
CA THR A 116 15.08 10.04 2.12
C THR A 116 14.93 8.84 1.18
N PHE A 117 14.14 8.99 0.12
CA PHE A 117 13.75 7.88 -0.74
C PHE A 117 14.43 7.93 -2.11
N THR A 118 15.62 8.55 -2.18
CA THR A 118 16.36 8.50 -3.43
C THR A 118 16.95 7.11 -3.61
N SER A 119 17.35 6.82 -4.85
CA SER A 119 18.04 5.56 -5.11
C SER A 119 19.41 5.52 -4.45
N GLY A 120 19.98 6.68 -4.11
CA GLY A 120 21.25 6.69 -3.41
C GLY A 120 21.12 6.26 -1.96
N LYS A 121 20.20 6.90 -1.22
CA LYS A 121 19.92 6.46 0.15
C LYS A 121 19.41 5.04 0.17
N LEU A 122 18.71 4.63 -0.89
CA LEU A 122 18.18 3.27 -0.97
C LEU A 122 19.28 2.24 -1.15
N LYS A 123 20.36 2.60 -1.84
CA LYS A 123 21.47 1.67 -2.02
C LYS A 123 22.29 1.51 -0.74
N GLU A 124 22.32 2.54 0.11
CA GLU A 124 22.95 2.40 1.42
C GLU A 124 22.18 1.43 2.30
N MET A 125 20.87 1.32 2.11
CA MET A 125 20.01 0.46 2.93
C MET A 125 20.10 -1.02 2.54
N VAL A 126 20.66 -1.35 1.37
CA VAL A 126 20.67 -2.74 0.93
C VAL A 126 21.43 -3.66 1.88
N PRO A 127 22.68 -3.37 2.26
CA PRO A 127 23.38 -4.30 3.17
C PRO A 127 22.67 -4.50 4.49
N ILE A 128 21.86 -3.54 4.94
CA ILE A 128 21.13 -3.73 6.19
C ILE A 128 19.86 -4.54 5.95
N ILE A 129 19.12 -4.22 4.88
CA ILE A 129 17.93 -5.00 4.52
C ILE A 129 18.31 -6.43 4.15
N ALA A 130 19.54 -6.64 3.70
CA ALA A 130 20.00 -7.98 3.35
C ALA A 130 20.30 -8.85 4.57
N GLN A 131 20.39 -8.27 5.77
CA GLN A 131 20.73 -9.05 6.95
C GLN A 131 19.52 -9.76 7.55
N TYR A 132 18.34 -9.16 7.47
CA TYR A 132 17.15 -9.80 8.02
C TYR A 132 16.52 -10.80 7.07
N GLY A 133 16.92 -10.80 5.80
CA GLY A 133 16.54 -11.89 4.92
C GLY A 133 17.09 -13.22 5.39
N ASP A 134 18.27 -13.19 6.01
CA ASP A 134 18.84 -14.41 6.57
C ASP A 134 18.10 -14.86 7.83
N VAL A 135 17.71 -13.90 8.68
CA VAL A 135 16.87 -14.21 9.83
C VAL A 135 15.55 -14.83 9.37
N LEU A 136 15.10 -14.49 8.17
CA LEU A 136 13.85 -15.04 7.66
C LEU A 136 14.00 -16.51 7.29
N VAL A 137 15.10 -16.85 6.62
CA VAL A 137 15.30 -18.21 6.13
C VAL A 137 15.32 -19.20 7.28
N ARG A 138 15.99 -18.83 8.39
CA ARG A 138 16.12 -19.76 9.51
C ARG A 138 14.79 -19.94 10.25
N ASN A 139 13.92 -18.94 10.22
CA ASN A 139 12.59 -19.12 10.80
C ASN A 139 11.71 -19.98 9.90
N LEU A 140 11.89 -19.87 8.58
CA LEU A 140 11.22 -20.78 7.66
C LEU A 140 11.77 -22.19 7.77
N ARG A 141 13.10 -22.32 7.84
CA ARG A 141 13.71 -23.64 7.93
C ARG A 141 13.26 -24.38 9.18
N ARG A 142 13.11 -23.67 10.30
CA ARG A 142 12.60 -24.32 11.51
C ARG A 142 11.18 -24.81 11.32
N GLU A 143 10.38 -24.10 10.52
CA GLU A 143 9.06 -24.59 10.15
C GLU A 143 9.07 -25.40 8.87
N ALA A 144 10.21 -25.50 8.19
CA ALA A 144 10.37 -26.41 7.07
C ALA A 144 10.95 -27.73 7.51
N GLU A 145 11.87 -27.72 8.47
CA GLU A 145 12.37 -28.97 9.05
C GLU A 145 11.32 -29.67 9.89
N THR A 146 10.33 -28.92 10.36
CA THR A 146 9.25 -29.48 11.16
C THR A 146 8.25 -30.24 10.29
N GLY A 147 7.53 -29.50 9.45
CA GLY A 147 6.54 -30.10 8.57
C GLY A 147 5.24 -29.32 8.51
N LYS A 148 4.75 -28.91 9.68
CA LYS A 148 3.52 -28.15 9.77
C LYS A 148 3.46 -27.05 8.71
N PRO A 149 2.22 -26.84 8.12
CA PRO A 149 2.20 -25.77 7.11
C PRO A 149 2.70 -24.45 7.68
N VAL A 150 2.79 -23.42 6.84
CA VAL A 150 3.25 -22.11 7.29
C VAL A 150 2.23 -21.04 6.87
N THR A 151 1.92 -20.14 7.79
CA THR A 151 1.08 -18.99 7.50
C THR A 151 1.99 -17.82 7.12
N LEU A 152 1.90 -17.40 5.86
CA LEU A 152 2.87 -16.47 5.30
C LEU A 152 2.86 -15.13 6.04
N LYS A 153 1.68 -14.58 6.30
CA LYS A 153 1.61 -13.25 6.89
C LYS A 153 2.28 -13.21 8.25
N ASP A 154 2.31 -14.33 8.98
CA ASP A 154 3.06 -14.39 10.22
C ASP A 154 4.55 -14.21 9.98
N VAL A 155 5.13 -15.13 9.18
CA VAL A 155 6.57 -15.13 8.98
C VAL A 155 7.00 -13.91 8.16
N PHE A 156 6.23 -13.56 7.12
CA PHE A 156 6.54 -12.37 6.34
C PHE A 156 6.34 -11.10 7.15
N GLY A 157 5.32 -11.08 8.01
CA GLY A 157 5.13 -9.93 8.88
C GLY A 157 6.29 -9.72 9.82
N ALA A 158 6.74 -10.80 10.47
CA ALA A 158 7.91 -10.74 11.33
C ALA A 158 9.13 -10.19 10.58
N TYR A 159 9.31 -10.63 9.33
CA TYR A 159 10.41 -10.08 8.53
C TYR A 159 10.21 -8.60 8.24
N SER A 160 9.04 -8.24 7.69
CA SER A 160 8.77 -6.85 7.35
C SER A 160 8.89 -5.96 8.59
N MET A 161 8.43 -6.45 9.74
CA MET A 161 8.62 -5.71 10.99
C MET A 161 10.09 -5.49 11.29
N ASP A 162 10.93 -6.49 11.03
CA ASP A 162 12.36 -6.37 11.30
C ASP A 162 13.04 -5.36 10.38
N VAL A 163 12.54 -5.20 9.15
CA VAL A 163 13.14 -4.23 8.24
C VAL A 163 12.74 -2.82 8.65
N ILE A 164 11.50 -2.65 9.11
CA ILE A 164 11.02 -1.33 9.51
C ILE A 164 11.86 -0.77 10.64
N THR A 165 11.83 -1.44 11.79
CA THR A 165 12.48 -0.90 12.98
C THR A 165 13.97 -0.67 12.77
N SER A 166 14.58 -1.37 11.81
CA SER A 166 15.98 -1.18 11.48
C SER A 166 16.19 -0.02 10.51
N THR A 167 15.43 0.00 9.42
CA THR A 167 15.56 1.06 8.44
C THR A 167 14.95 2.39 8.87
N SER A 168 14.27 2.43 10.02
CA SER A 168 13.61 3.65 10.48
C SER A 168 14.07 4.15 11.84
N PHE A 169 14.70 3.30 12.68
CA PHE A 169 15.14 3.74 13.99
C PHE A 169 16.47 3.11 14.40
N GLY A 170 16.86 2.02 13.74
CA GLY A 170 18.05 1.28 14.09
C GLY A 170 17.82 0.08 14.97
N VAL A 171 16.67 0.02 15.65
CA VAL A 171 16.36 -1.09 16.54
C VAL A 171 16.41 -2.40 15.77
N ASN A 172 16.92 -3.45 16.43
CA ASN A 172 17.14 -4.75 15.80
C ASN A 172 16.53 -5.83 16.68
N ILE A 173 15.54 -6.54 16.14
CA ILE A 173 14.82 -7.58 16.87
C ILE A 173 14.48 -8.71 15.92
N ASP A 174 14.51 -9.94 16.44
CA ASP A 174 13.91 -11.09 15.75
C ASP A 174 12.50 -11.23 16.31
N SER A 175 11.53 -10.56 15.66
CA SER A 175 10.19 -10.48 16.21
CA SER A 175 10.19 -10.48 16.23
C SER A 175 9.53 -11.85 16.30
N LEU A 176 9.80 -12.73 15.33
CA LEU A 176 9.16 -14.05 15.35
C LEU A 176 9.59 -14.86 16.56
N ASN A 177 10.79 -14.62 17.07
CA ASN A 177 11.25 -15.22 18.32
C ASN A 177 11.18 -14.25 19.50
N ASN A 178 10.78 -13.01 19.27
CA ASN A 178 10.62 -12.01 20.32
C ASN A 178 9.29 -11.30 20.16
N PRO A 179 8.17 -12.01 20.34
CA PRO A 179 6.87 -11.34 20.26
C PRO A 179 6.60 -10.41 21.42
N GLN A 180 7.26 -10.65 22.55
CA GLN A 180 7.08 -9.81 23.74
C GLN A 180 8.34 -8.99 24.03
N ASP A 181 8.77 -8.30 23.01
CA ASP A 181 9.96 -7.46 23.16
C ASP A 181 9.59 -6.09 23.73
N PRO A 182 10.51 -4.99 23.52
CA PRO A 182 10.11 -3.69 24.07
C PRO A 182 9.20 -2.91 23.11
N PHE A 183 9.48 -3.02 21.82
CA PHE A 183 8.69 -2.34 20.80
C PHE A 183 7.86 -3.21 19.83
N VAL A 184 8.12 -4.52 19.80
CA VAL A 184 7.36 -5.39 18.90
C VAL A 184 5.87 -5.46 19.14
N GLU A 185 5.43 -5.10 20.35
CA GLU A 185 4.01 -5.17 20.69
C GLU A 185 3.37 -3.93 20.07
N ASN A 186 3.71 -2.75 20.60
CA ASN A 186 3.14 -1.47 20.15
C ASN A 186 3.05 -1.39 18.63
N THR A 187 4.10 -1.81 17.96
CA THR A 187 4.23 -1.64 16.52
C THR A 187 3.38 -2.59 15.70
N LYS A 188 2.76 -3.60 16.33
CA LYS A 188 1.91 -4.55 15.62
C LYS A 188 0.42 -4.26 15.81
N LYS A 189 0.07 -3.08 16.29
CA LYS A 189 -1.27 -2.83 16.80
C LYS A 189 -2.09 -1.76 16.10
N PHE A 193 -6.77 -0.11 8.74
CA PHE A 193 -8.08 0.38 9.17
C PHE A 193 -9.17 -0.17 8.25
N ASP A 194 -10.02 -1.03 8.79
CA ASP A 194 -11.13 -1.61 8.04
C ASP A 194 -12.15 -0.51 7.76
N PHE A 195 -12.17 -0.01 6.52
CA PHE A 195 -13.06 1.08 6.17
C PHE A 195 -14.51 0.64 5.98
N LEU A 196 -14.85 -0.60 6.34
CA LEU A 196 -16.23 -1.07 6.36
C LEU A 196 -16.58 -1.72 7.69
N ASP A 197 -15.85 -1.43 8.76
CA ASP A 197 -16.14 -1.93 10.09
C ASP A 197 -17.21 -1.03 10.73
N PRO A 198 -17.70 -1.35 11.93
CA PRO A 198 -18.73 -0.49 12.56
C PRO A 198 -18.32 0.97 12.71
N PHE A 199 -17.02 1.26 12.76
CA PHE A 199 -16.58 2.62 13.07
C PHE A 199 -16.63 3.54 11.86
N PHE A 200 -15.96 3.16 10.77
CA PHE A 200 -15.81 4.07 9.64
C PHE A 200 -17.09 4.22 8.82
N LEU A 201 -17.95 3.21 8.80
CA LEU A 201 -19.28 3.42 8.23
C LEU A 201 -20.04 4.48 9.02
N SER A 202 -19.91 4.44 10.35
CA SER A 202 -20.50 5.47 11.18
C SER A 202 -19.89 6.84 10.90
N ILE A 203 -18.62 6.88 10.49
CA ILE A 203 -18.02 8.13 10.04
C ILE A 203 -18.71 8.61 8.78
N THR A 204 -18.64 7.80 7.71
CA THR A 204 -19.23 8.17 6.43
C THR A 204 -20.68 8.64 6.58
N VAL A 205 -21.43 8.07 7.52
CA VAL A 205 -22.80 8.52 7.71
C VAL A 205 -22.85 9.73 8.64
N PHE A 206 -22.01 9.77 9.68
CA PHE A 206 -21.95 10.89 10.61
C PHE A 206 -20.58 11.57 10.55
N PRO A 207 -20.19 12.11 9.38
CA PRO A 207 -18.86 12.75 9.31
C PRO A 207 -18.78 14.05 10.07
N PHE A 208 -19.92 14.55 10.55
CA PHE A 208 -19.97 15.70 11.44
C PHE A 208 -19.61 15.34 12.86
N LEU A 209 -19.34 14.07 13.12
CA LEU A 209 -18.92 13.59 14.43
C LEU A 209 -17.41 13.43 14.51
N ILE A 210 -16.70 13.49 13.39
CA ILE A 210 -15.25 13.65 13.44
C ILE A 210 -14.83 14.85 14.29
N PRO A 211 -15.33 16.08 14.05
CA PRO A 211 -14.93 17.20 14.91
C PRO A 211 -15.29 16.99 16.35
N ILE A 212 -16.29 16.15 16.63
CA ILE A 212 -16.62 15.83 18.01
C ILE A 212 -15.46 15.11 18.68
N LEU A 213 -14.87 14.14 17.98
CA LEU A 213 -13.80 13.36 18.57
C LEU A 213 -12.48 14.13 18.63
N GLU A 214 -12.29 15.13 17.77
CA GLU A 214 -11.02 15.85 17.77
C GLU A 214 -10.89 16.77 18.97
N VAL A 215 -12.02 17.22 19.53
CA VAL A 215 -11.98 17.93 20.81
C VAL A 215 -11.88 16.96 21.97
N LEU A 216 -11.93 15.65 21.72
CA LEU A 216 -11.86 14.64 22.77
C LEU A 216 -10.53 13.88 22.81
N ASN A 217 -9.53 14.28 22.02
CA ASN A 217 -8.23 13.61 21.94
C ASN A 217 -8.34 12.15 21.52
N ILE A 218 -9.52 11.70 21.11
CA ILE A 218 -9.71 10.33 20.63
C ILE A 218 -9.18 10.22 19.21
N CYS A 219 -8.58 9.09 18.89
CA CYS A 219 -7.76 8.98 17.69
C CYS A 219 -7.90 7.59 17.09
N VAL A 220 -7.96 7.53 15.75
CA VAL A 220 -7.91 6.24 15.06
C VAL A 220 -6.56 5.57 15.25
N PHE A 221 -5.57 6.32 15.72
CA PHE A 221 -4.33 5.75 16.20
C PHE A 221 -4.43 5.64 17.70
N PRO A 222 -4.36 4.44 18.27
CA PRO A 222 -4.57 4.30 19.72
C PRO A 222 -3.63 5.22 20.50
N ARG A 223 -4.19 5.96 21.45
CA ARG A 223 -3.42 6.90 22.27
C ARG A 223 -2.20 6.33 22.99
N GLU A 224 -2.03 5.01 22.96
CA GLU A 224 -0.91 4.35 23.61
C GLU A 224 0.27 4.02 22.71
N VAL A 225 0.02 3.43 21.54
CA VAL A 225 1.09 3.19 20.58
C VAL A 225 1.78 4.51 20.24
N THR A 226 0.99 5.53 19.95
CA THR A 226 1.55 6.85 19.64
C THR A 226 2.31 7.41 20.82
N ASN A 227 1.79 7.26 22.03
CA ASN A 227 2.51 7.72 23.21
C ASN A 227 3.81 6.94 23.40
N PHE A 228 3.85 5.67 23.00
CA PHE A 228 5.07 4.88 23.14
C PHE A 228 6.16 5.40 22.20
N LEU A 229 5.81 5.67 20.95
CA LEU A 229 6.82 6.05 19.97
C LEU A 229 7.15 7.53 20.05
N ARG A 230 6.22 8.38 20.49
CA ARG A 230 6.52 9.80 20.69
C ARG A 230 7.69 9.96 21.66
N LYS A 231 7.66 9.23 22.77
CA LYS A 231 8.75 9.29 23.74
C LYS A 231 9.94 8.44 23.31
N SER A 232 9.69 7.29 22.66
CA SER A 232 10.80 6.47 22.18
C SER A 232 11.66 7.24 21.18
N VAL A 233 11.03 7.99 20.28
CA VAL A 233 11.77 8.82 19.34
C VAL A 233 12.62 9.83 20.08
N LYS A 234 12.01 10.56 21.03
CA LYS A 234 12.74 11.59 21.75
C LYS A 234 13.79 11.03 22.70
N ARG A 235 13.80 9.72 22.94
CA ARG A 235 14.97 9.07 23.53
C ARG A 235 16.03 8.83 22.47
N MET A 236 15.64 8.20 21.35
CA MET A 236 16.55 7.99 20.23
C MET A 236 17.14 9.31 19.76
N LYS A 237 16.31 10.35 19.65
CA LYS A 237 16.78 11.64 19.17
C LYS A 237 17.90 12.18 20.05
N GLU A 238 17.67 12.25 21.36
CA GLU A 238 18.70 12.67 22.30
C GLU A 238 19.60 11.52 22.73
N SER A 239 19.97 10.64 21.80
CA SER A 239 20.92 9.57 22.05
C SER A 239 21.99 9.55 20.97
N ARG A 240 21.57 9.41 19.71
CA ARG A 240 22.50 9.61 18.60
C ARG A 240 23.07 11.02 18.60
N LEU A 241 22.38 11.97 19.23
CA LEU A 241 22.78 13.37 19.38
C LEU A 241 23.19 13.55 20.83
N GLU A 242 24.47 13.37 21.11
CA GLU A 242 25.47 13.08 20.08
C GLU A 242 26.32 11.85 20.40
N ASP A 243 26.60 11.05 19.37
CA ASP A 243 27.49 9.90 19.48
C ASP A 243 28.00 9.45 18.11
N ASP A 250 19.29 5.51 8.66
CA ASP A 250 17.88 5.14 8.64
C ASP A 250 16.99 6.38 8.50
N PHE A 251 15.67 6.14 8.41
CA PHE A 251 14.72 7.24 8.18
C PHE A 251 14.83 8.31 9.27
N LEU A 252 14.86 7.90 10.53
CA LEU A 252 14.93 8.86 11.64
C LEU A 252 16.17 9.73 11.54
N GLN A 253 17.30 9.15 11.12
CA GLN A 253 18.52 9.92 10.95
C GLN A 253 18.39 10.91 9.81
N LEU A 254 17.90 10.44 8.66
CA LEU A 254 17.75 11.32 7.50
C LEU A 254 16.79 12.47 7.77
N MET A 255 15.77 12.24 8.61
CA MET A 255 14.84 13.32 8.97
C MET A 255 15.48 14.31 9.93
N ILE A 256 16.24 13.80 10.91
CA ILE A 256 16.89 14.67 11.88
C ILE A 256 17.97 15.52 11.22
N ASP A 257 18.67 14.94 10.24
CA ASP A 257 19.65 15.72 9.48
C ASP A 257 18.97 16.81 8.67
N SER A 258 17.72 16.60 8.25
CA SER A 258 17.02 17.60 7.43
C SER A 258 16.67 18.83 8.24
N GLN A 259 16.22 18.65 9.48
CA GLN A 259 15.87 19.79 10.32
C GLN A 259 17.10 20.53 10.86
N ASN A 260 18.28 20.28 10.30
CA ASN A 260 19.48 21.02 10.66
C ASN A 260 19.84 22.03 9.57
N LYS A 268 10.07 26.41 8.85
CA LYS A 268 10.04 25.73 7.55
C LYS A 268 10.75 24.38 7.63
N ALA A 269 11.61 24.22 8.63
CA ALA A 269 12.33 22.97 8.85
C ALA A 269 11.52 22.02 9.73
N LEU A 270 11.88 20.74 9.68
CA LEU A 270 11.09 19.71 10.33
C LEU A 270 11.06 19.90 11.84
N SER A 271 9.89 19.66 12.43
CA SER A 271 9.70 19.77 13.86
C SER A 271 9.95 18.44 14.55
N ASP A 272 9.77 18.42 15.87
CA ASP A 272 9.99 17.20 16.64
C ASP A 272 8.78 16.27 16.55
N LEU A 273 7.59 16.77 16.88
CA LEU A 273 6.40 15.92 16.78
C LEU A 273 6.04 15.63 15.34
N GLU A 274 6.33 16.57 14.43
CA GLU A 274 6.23 16.27 13.00
C GLU A 274 7.08 15.06 12.65
N LEU A 275 8.24 14.94 13.30
CA LEU A 275 9.17 13.86 13.00
C LEU A 275 8.64 12.52 13.50
N VAL A 276 7.98 12.52 14.67
CA VAL A 276 7.34 11.31 15.17
C VAL A 276 6.24 10.86 14.22
N ALA A 277 5.48 11.81 13.68
CA ALA A 277 4.31 11.47 12.88
C ALA A 277 4.71 10.77 11.58
N GLN A 278 5.77 11.23 10.92
CA GLN A 278 6.22 10.57 9.69
C GLN A 278 6.75 9.18 10.00
N SER A 279 7.33 8.98 11.19
CA SER A 279 7.82 7.67 11.58
C SER A 279 6.67 6.68 11.69
N ILE A 280 5.56 7.11 12.29
CA ILE A 280 4.41 6.23 12.43
C ILE A 280 3.83 5.88 11.07
N ILE A 281 3.85 6.84 10.13
CA ILE A 281 3.38 6.54 8.78
C ILE A 281 4.30 5.53 8.09
N PHE A 282 5.62 5.72 8.23
CA PHE A 282 6.55 4.81 7.57
C PHE A 282 6.46 3.39 8.12
N ILE A 283 5.92 3.23 9.33
CA ILE A 283 5.83 1.89 9.92
C ILE A 283 4.64 1.13 9.34
N PHE A 284 3.43 1.67 9.43
CA PHE A 284 2.31 0.98 8.78
C PHE A 284 2.55 0.82 7.29
N ALA A 285 3.20 1.81 6.67
CA ALA A 285 3.47 1.76 5.24
C ALA A 285 4.27 0.53 4.88
N GLY A 286 5.22 0.13 5.73
CA GLY A 286 6.12 -0.93 5.36
C GLY A 286 5.88 -2.21 6.14
N TYR A 287 4.84 -2.23 6.97
CA TYR A 287 4.56 -3.43 7.76
C TYR A 287 3.46 -4.23 7.11
N GLU A 288 2.23 -3.72 7.13
CA GLU A 288 1.15 -4.50 6.54
C GLU A 288 1.21 -4.51 5.03
N THR A 289 1.63 -3.45 4.38
CA THR A 289 1.71 -3.45 2.92
C THR A 289 2.77 -4.44 2.44
N THR A 290 4.04 -4.21 2.86
CA THR A 290 5.13 -5.09 2.44
C THR A 290 4.81 -6.55 2.74
N SER A 291 4.33 -6.83 3.94
CA SER A 291 4.09 -8.23 4.31
C SER A 291 2.85 -8.80 3.65
N SER A 292 1.90 -7.98 3.20
CA SER A 292 0.70 -8.51 2.55
C SER A 292 0.87 -8.66 1.06
N VAL A 293 1.74 -7.86 0.46
CA VAL A 293 2.06 -8.04 -0.94
C VAL A 293 2.89 -9.31 -1.15
N LEU A 294 3.82 -9.56 -0.22
CA LEU A 294 4.63 -10.77 -0.32
C LEU A 294 3.78 -12.02 -0.25
N SER A 295 2.68 -11.96 0.51
CA SER A 295 1.81 -13.11 0.65
C SER A 295 0.92 -13.32 -0.57
N PHE A 296 0.52 -12.24 -1.24
CA PHE A 296 -0.17 -12.39 -2.52
C PHE A 296 0.76 -13.00 -3.57
N ILE A 297 2.04 -12.62 -3.52
CA ILE A 297 3.03 -13.18 -4.45
C ILE A 297 3.24 -14.66 -4.18
N MET A 298 3.45 -15.02 -2.91
CA MET A 298 3.73 -16.42 -2.62
C MET A 298 2.52 -17.30 -2.88
N TYR A 299 1.30 -16.79 -2.65
CA TYR A 299 0.12 -17.52 -3.06
C TYR A 299 0.15 -17.77 -4.57
N GLU A 300 0.40 -16.71 -5.35
CA GLU A 300 0.37 -16.84 -6.81
C GLU A 300 1.51 -17.71 -7.31
N LEU A 301 2.68 -17.62 -6.67
CA LEU A 301 3.79 -18.49 -7.05
C LEU A 301 3.47 -19.94 -6.73
N ALA A 302 2.79 -20.19 -5.61
CA ALA A 302 2.52 -21.56 -5.19
C ALA A 302 1.43 -22.20 -6.06
N THR A 303 0.54 -21.40 -6.61
CA THR A 303 -0.54 -21.88 -7.47
C THR A 303 -0.20 -21.78 -8.96
N HIS A 304 1.01 -21.34 -9.29
CA HIS A 304 1.51 -21.34 -10.67
C HIS A 304 2.97 -21.80 -10.64
N PRO A 305 3.20 -23.10 -10.41
CA PRO A 305 4.56 -23.56 -10.05
C PRO A 305 5.60 -23.40 -11.15
N ASP A 306 5.21 -23.19 -12.41
CA ASP A 306 6.20 -22.95 -13.45
C ASP A 306 6.81 -21.56 -13.30
N VAL A 307 5.99 -20.57 -12.93
CA VAL A 307 6.49 -19.23 -12.68
C VAL A 307 7.49 -19.24 -11.53
N GLN A 308 7.29 -20.14 -10.56
CA GLN A 308 8.24 -20.29 -9.47
C GLN A 308 9.57 -20.84 -9.97
N GLN A 309 9.54 -21.87 -10.81
CA GLN A 309 10.77 -22.43 -11.34
C GLN A 309 11.52 -21.41 -12.20
N LYS A 310 10.79 -20.74 -13.10
CA LYS A 310 11.43 -19.75 -13.96
C LYS A 310 12.11 -18.68 -13.14
N LEU A 311 11.47 -18.27 -12.04
CA LEU A 311 12.06 -17.28 -11.15
C LEU A 311 13.28 -17.84 -10.42
N GLN A 312 13.16 -19.07 -9.90
CA GLN A 312 14.30 -19.70 -9.23
C GLN A 312 15.48 -19.82 -10.16
N GLU A 313 15.23 -20.10 -11.44
CA GLU A 313 16.32 -20.25 -12.41
C GLU A 313 17.00 -18.92 -12.68
N GLU A 314 16.21 -17.83 -12.73
CA GLU A 314 16.78 -16.52 -13.02
C GLU A 314 17.63 -15.99 -11.87
N ILE A 315 17.24 -16.30 -10.63
CA ILE A 315 18.04 -15.86 -9.48
C ILE A 315 19.39 -16.57 -9.48
N ASP A 316 19.37 -17.88 -9.71
CA ASP A 316 20.62 -18.65 -9.71
C ASP A 316 21.53 -18.25 -10.87
N ALA A 317 20.96 -17.77 -11.98
CA ALA A 317 21.80 -17.30 -13.08
C ALA A 317 22.50 -15.99 -12.73
N VAL A 318 21.77 -15.06 -12.11
CA VAL A 318 22.38 -13.80 -11.69
C VAL A 318 23.24 -14.00 -10.46
N LEU A 319 22.75 -14.76 -9.48
CA LEU A 319 23.44 -14.99 -8.22
C LEU A 319 23.79 -16.46 -8.10
N PRO A 320 24.88 -16.91 -8.73
CA PRO A 320 25.26 -18.31 -8.63
C PRO A 320 25.79 -18.63 -7.25
N ASN A 321 25.65 -19.91 -6.87
CA ASN A 321 26.01 -20.38 -5.53
C ASN A 321 25.20 -19.66 -4.46
N LYS A 322 23.94 -19.35 -4.80
CA LYS A 322 23.08 -18.54 -3.94
C LYS A 322 23.81 -17.27 -3.50
N ALA A 323 24.47 -16.63 -4.45
CA ALA A 323 25.25 -15.43 -4.17
C ALA A 323 24.35 -14.35 -3.56
N PRO A 324 24.88 -13.52 -2.69
CA PRO A 324 24.06 -12.51 -2.03
C PRO A 324 23.57 -11.47 -3.03
N PRO A 325 22.28 -11.18 -3.04
CA PRO A 325 21.79 -10.09 -3.89
C PRO A 325 22.42 -8.77 -3.48
N THR A 326 22.78 -7.98 -4.48
CA THR A 326 23.20 -6.61 -4.30
C THR A 326 22.11 -5.70 -4.87
N TYR A 327 22.23 -4.41 -4.57
CA TYR A 327 21.28 -3.45 -5.11
C TYR A 327 21.19 -3.56 -6.62
N ASP A 328 22.33 -3.81 -7.28
CA ASP A 328 22.37 -3.83 -8.73
C ASP A 328 21.89 -5.15 -9.31
N THR A 329 22.23 -6.27 -8.67
CA THR A 329 21.73 -7.56 -9.16
C THR A 329 20.23 -7.69 -9.00
N VAL A 330 19.62 -6.96 -8.08
CA VAL A 330 18.17 -7.01 -7.91
C VAL A 330 17.48 -6.35 -9.09
N LEU A 331 17.93 -5.16 -9.47
CA LEU A 331 17.40 -4.50 -10.66
C LEU A 331 17.77 -5.24 -11.93
N GLN A 332 18.74 -6.16 -11.86
CA GLN A 332 19.12 -6.95 -13.03
C GLN A 332 18.07 -8.01 -13.37
N MET A 333 17.21 -8.35 -12.41
CA MET A 333 16.27 -9.47 -12.57
C MET A 333 14.97 -8.96 -13.17
N GLU A 334 14.67 -9.39 -14.40
CA GLU A 334 13.51 -8.92 -15.13
C GLU A 334 12.25 -9.72 -14.83
N TYR A 335 12.34 -11.05 -14.85
CA TYR A 335 11.19 -11.89 -14.54
C TYR A 335 10.71 -11.70 -13.10
N LEU A 336 11.59 -11.25 -12.21
CA LEU A 336 11.17 -10.91 -10.86
C LEU A 336 10.35 -9.62 -10.85
N ASP A 337 10.72 -8.64 -11.67
CA ASP A 337 9.92 -7.43 -11.77
C ASP A 337 8.55 -7.73 -12.41
N MET A 338 8.54 -8.60 -13.41
CA MET A 338 7.28 -8.98 -14.04
C MET A 338 6.34 -9.63 -13.04
N VAL A 339 6.89 -10.52 -12.20
CA VAL A 339 6.07 -11.22 -11.22
C VAL A 339 5.47 -10.25 -10.21
N VAL A 340 6.30 -9.36 -9.66
CA VAL A 340 5.80 -8.40 -8.68
C VAL A 340 4.72 -7.53 -9.31
N ASN A 341 4.99 -7.01 -10.50
CA ASN A 341 4.03 -6.11 -11.15
C ASN A 341 2.70 -6.81 -11.40
N GLU A 342 2.74 -8.07 -11.87
CA GLU A 342 1.51 -8.78 -12.15
C GLU A 342 0.73 -9.07 -10.87
N THR A 343 1.43 -9.36 -9.76
CA THR A 343 0.74 -9.55 -8.50
C THR A 343 0.10 -8.25 -8.03
N LEU A 344 0.80 -7.13 -8.22
CA LEU A 344 0.25 -5.83 -7.86
C LEU A 344 -0.94 -5.45 -8.73
N ARG A 345 -0.99 -5.94 -9.98
CA ARG A 345 -2.17 -5.73 -10.80
C ARG A 345 -3.39 -6.43 -10.18
N LEU A 346 -3.27 -7.72 -9.90
CA LEU A 346 -4.39 -8.46 -9.33
C LEU A 346 -4.76 -7.99 -7.93
N PHE A 347 -3.78 -7.56 -7.12
CA PHE A 347 -4.03 -7.12 -5.74
C PHE A 347 -3.39 -5.76 -5.48
N PRO A 348 -3.92 -4.69 -6.09
CA PRO A 348 -3.41 -3.35 -5.78
C PRO A 348 -3.94 -2.88 -4.45
N ILE A 349 -3.09 -2.92 -3.41
CA ILE A 349 -3.58 -2.90 -2.04
C ILE A 349 -4.39 -1.63 -1.74
N ALA A 350 -4.11 -0.54 -2.45
CA ALA A 350 -4.84 0.71 -2.24
C ALA A 350 -6.28 0.60 -2.71
N MET A 351 -6.55 -0.20 -3.74
CA MET A 351 -7.88 -0.43 -4.31
C MET A 351 -8.34 0.81 -5.08
N ARG A 352 -8.34 1.98 -4.44
CA ARG A 352 -8.72 3.23 -5.08
C ARG A 352 -7.71 4.34 -4.82
N LEU A 353 -7.63 5.26 -5.77
CA LEU A 353 -6.91 6.52 -5.60
C LEU A 353 -7.93 7.66 -5.48
N GLU A 354 -7.59 8.71 -4.73
CA GLU A 354 -8.59 9.71 -4.41
C GLU A 354 -7.94 11.08 -4.27
N ARG A 355 -8.68 12.10 -4.69
CA ARG A 355 -8.26 13.49 -4.59
C ARG A 355 -9.49 14.36 -4.35
N VAL A 356 -9.40 15.30 -3.41
CA VAL A 356 -10.48 16.24 -3.17
C VAL A 356 -10.33 17.39 -4.14
N CYS A 357 -11.37 17.63 -4.94
CA CYS A 357 -11.41 18.72 -5.90
C CYS A 357 -11.69 20.03 -5.16
N LYS A 358 -10.76 20.98 -5.23
CA LYS A 358 -10.85 22.17 -4.41
C LYS A 358 -11.32 23.41 -5.18
N LYS A 359 -11.57 23.30 -6.48
CA LYS A 359 -12.06 24.41 -7.29
C LYS A 359 -13.05 23.87 -8.31
N ASP A 360 -13.94 24.73 -8.78
CA ASP A 360 -14.67 24.40 -9.99
C ASP A 360 -13.70 24.34 -11.16
N VAL A 361 -13.60 23.17 -11.80
CA VAL A 361 -12.70 22.98 -12.93
CA VAL A 361 -12.69 22.96 -12.92
C VAL A 361 -13.40 22.19 -14.03
N GLU A 362 -12.84 22.30 -15.23
CA GLU A 362 -13.32 21.58 -16.41
C GLU A 362 -12.12 20.87 -17.01
N ILE A 363 -11.99 19.58 -16.70
CA ILE A 363 -10.85 18.77 -17.13
C ILE A 363 -11.34 17.77 -18.16
N ASN A 364 -10.71 17.78 -19.33
CA ASN A 364 -11.09 16.90 -20.44
C ASN A 364 -12.59 16.99 -20.75
N GLY A 365 -13.11 18.21 -20.79
CA GLY A 365 -14.48 18.43 -21.22
C GLY A 365 -15.56 18.07 -20.24
N MET A 366 -15.24 18.00 -18.95
CA MET A 366 -16.23 17.64 -17.92
C MET A 366 -16.10 18.58 -16.74
N PHE A 367 -17.24 19.12 -16.28
CA PHE A 367 -17.24 20.07 -15.19
C PHE A 367 -17.24 19.32 -13.85
N ILE A 368 -16.25 19.62 -13.01
CA ILE A 368 -16.14 19.05 -11.68
C ILE A 368 -16.45 20.16 -10.68
N PRO A 369 -17.51 20.06 -9.89
CA PRO A 369 -17.80 21.08 -8.89
C PRO A 369 -16.92 20.94 -7.66
N LYS A 370 -16.74 22.06 -6.97
CA LYS A 370 -15.88 22.12 -5.79
C LYS A 370 -16.40 21.21 -4.69
N GLY A 371 -15.47 20.55 -3.99
CA GLY A 371 -15.80 19.69 -2.86
C GLY A 371 -16.00 18.23 -3.21
N VAL A 372 -16.11 17.91 -4.49
CA VAL A 372 -16.35 16.55 -4.94
C VAL A 372 -15.07 15.73 -4.82
N VAL A 373 -15.16 14.55 -4.21
CA VAL A 373 -14.06 13.60 -4.22
C VAL A 373 -13.97 12.97 -5.60
N VAL A 374 -12.78 13.00 -6.20
CA VAL A 374 -12.52 12.34 -7.46
C VAL A 374 -11.76 11.05 -7.17
N MET A 375 -12.28 9.93 -7.67
CA MET A 375 -11.78 8.61 -7.32
CA MET A 375 -11.79 8.61 -7.33
C MET A 375 -11.41 7.85 -8.59
N ILE A 376 -10.27 7.16 -8.54
CA ILE A 376 -9.83 6.28 -9.61
C ILE A 376 -9.92 4.85 -9.09
N PRO A 377 -10.81 4.01 -9.62
CA PRO A 377 -10.92 2.63 -9.11
C PRO A 377 -9.81 1.73 -9.65
N SER A 378 -8.67 1.69 -8.96
CA SER A 378 -7.52 0.94 -9.45
C SER A 378 -7.87 -0.53 -9.63
N TYR A 379 -8.38 -1.17 -8.56
CA TYR A 379 -8.72 -2.60 -8.63
C TYR A 379 -9.56 -2.91 -9.86
N ALA A 380 -10.60 -2.12 -10.10
CA ALA A 380 -11.47 -2.36 -11.25
C ALA A 380 -10.74 -2.14 -12.57
N LEU A 381 -9.84 -1.16 -12.61
CA LEU A 381 -9.10 -0.89 -13.84
C LEU A 381 -8.01 -1.92 -14.08
N HIS A 382 -7.46 -2.51 -13.02
CA HIS A 382 -6.46 -3.56 -13.19
C HIS A 382 -7.08 -4.84 -13.72
N ARG A 383 -8.38 -5.04 -13.52
CA ARG A 383 -9.08 -6.24 -13.95
C ARG A 383 -10.05 -5.96 -15.09
N ASP A 384 -9.89 -4.82 -15.75
CA ASP A 384 -10.79 -4.45 -16.84
C ASP A 384 -10.46 -5.29 -18.08
N PRO A 385 -11.41 -6.09 -18.59
CA PRO A 385 -11.16 -6.83 -19.84
C PRO A 385 -10.94 -5.93 -21.05
N LYS A 386 -11.22 -4.62 -20.95
CA LYS A 386 -10.95 -3.72 -22.06
C LYS A 386 -9.47 -3.40 -22.21
N TYR A 387 -8.67 -3.55 -21.14
CA TYR A 387 -7.24 -3.32 -21.21
C TYR A 387 -6.40 -4.57 -20.99
N TRP A 388 -6.94 -5.60 -20.34
CA TRP A 388 -6.19 -6.80 -20.00
C TRP A 388 -6.90 -8.02 -20.54
N THR A 389 -6.17 -8.85 -21.28
CA THR A 389 -6.68 -10.15 -21.68
C THR A 389 -6.61 -11.11 -20.50
N GLU A 390 -7.71 -11.83 -20.26
CA GLU A 390 -7.83 -12.78 -19.16
C GLU A 390 -7.40 -12.14 -17.83
N PRO A 391 -8.07 -11.07 -17.41
CA PRO A 391 -7.53 -10.24 -16.32
C PRO A 391 -7.48 -10.93 -14.97
N GLU A 392 -8.31 -11.95 -14.74
CA GLU A 392 -8.22 -12.68 -13.50
C GLU A 392 -7.04 -13.64 -13.50
N LYS A 393 -6.75 -14.23 -14.66
CA LYS A 393 -5.63 -15.14 -14.76
C LYS A 393 -4.33 -14.42 -14.39
N PHE A 394 -3.45 -15.15 -13.73
CA PHE A 394 -2.15 -14.61 -13.31
C PHE A 394 -1.16 -14.89 -14.44
N LEU A 395 -0.85 -13.85 -15.21
CA LEU A 395 -0.04 -13.97 -16.42
C LEU A 395 1.07 -12.95 -16.39
N PRO A 396 2.24 -13.29 -15.83
CA PRO A 396 3.31 -12.30 -15.68
C PRO A 396 3.83 -11.76 -16.99
N GLU A 397 3.69 -12.50 -18.09
CA GLU A 397 4.26 -12.07 -19.36
C GLU A 397 3.69 -10.75 -19.88
N ARG A 398 2.61 -10.25 -19.29
CA ARG A 398 2.13 -8.91 -19.66
C ARG A 398 3.23 -7.88 -19.50
N PHE A 399 4.10 -8.04 -18.51
CA PHE A 399 5.13 -7.07 -18.18
C PHE A 399 6.48 -7.44 -18.73
N SER A 400 6.54 -8.37 -19.68
CA SER A 400 7.77 -8.59 -20.43
C SER A 400 8.11 -7.35 -21.23
N LYS A 401 9.41 -7.14 -21.48
CA LYS A 401 9.83 -5.94 -22.18
C LYS A 401 9.25 -5.85 -23.59
N LYS A 402 8.72 -6.96 -24.11
CA LYS A 402 8.00 -6.90 -25.39
C LYS A 402 6.63 -6.23 -25.22
N ASN A 403 5.93 -6.53 -24.13
CA ASN A 403 4.58 -6.04 -23.91
C ASN A 403 4.47 -4.97 -22.84
N LYS A 404 5.54 -4.70 -22.09
CA LYS A 404 5.49 -3.64 -21.09
C LYS A 404 5.21 -2.28 -21.74
N ASP A 405 5.55 -2.13 -23.01
CA ASP A 405 5.31 -0.86 -23.70
C ASP A 405 3.81 -0.58 -23.82
N ASN A 406 3.04 -1.59 -24.19
CA ASN A 406 1.63 -1.43 -24.53
C ASN A 406 0.72 -1.29 -23.31
N ILE A 407 1.27 -0.97 -22.14
CA ILE A 407 0.52 -0.89 -20.89
C ILE A 407 0.39 0.57 -20.49
N ASP A 408 -0.85 1.02 -20.28
CA ASP A 408 -1.12 2.43 -20.04
C ASP A 408 -0.78 2.80 -18.61
N PRO A 409 0.16 3.72 -18.38
CA PRO A 409 0.59 4.03 -17.01
C PRO A 409 -0.48 4.69 -16.16
N TYR A 410 -1.62 5.06 -16.74
CA TYR A 410 -2.72 5.61 -15.98
C TYR A 410 -3.88 4.63 -15.88
N ILE A 411 -3.67 3.40 -16.32
CA ILE A 411 -4.62 2.31 -16.08
C ILE A 411 -4.09 1.35 -15.01
N TYR A 412 -2.79 1.09 -15.01
CA TYR A 412 -2.13 0.25 -14.01
C TYR A 412 -1.27 1.15 -13.14
N THR A 413 -1.73 1.42 -11.92
CA THR A 413 -1.10 2.39 -11.02
C THR A 413 -1.10 1.86 -9.60
N PRO A 414 -0.28 0.85 -9.31
CA PRO A 414 -0.25 0.32 -7.94
C PRO A 414 0.38 1.27 -6.94
N PHE A 415 1.11 2.28 -7.41
CA PHE A 415 1.71 3.29 -6.54
C PHE A 415 1.18 4.69 -6.84
N GLY A 416 -0.02 4.78 -7.40
CA GLY A 416 -0.53 6.09 -7.73
C GLY A 416 0.24 6.70 -8.88
N SER A 417 0.12 8.02 -9.01
CA SER A 417 0.79 8.74 -10.08
C SER A 417 0.83 10.22 -9.77
N GLY A 418 1.88 10.88 -10.25
CA GLY A 418 2.01 12.31 -10.12
C GLY A 418 2.56 12.73 -8.78
N PRO A 419 2.58 14.05 -8.54
CA PRO A 419 3.26 14.61 -7.36
C PRO A 419 2.89 13.99 -6.02
N ARG A 420 1.80 13.24 -5.94
CA ARG A 420 1.34 12.69 -4.67
C ARG A 420 1.39 11.17 -4.66
N ASN A 421 2.13 10.56 -5.59
CA ASN A 421 2.22 9.11 -5.65
C ASN A 421 2.97 8.58 -4.42
N CYS A 422 3.14 7.26 -4.37
CA CYS A 422 3.77 6.61 -3.22
C CYS A 422 5.24 7.01 -3.11
N ILE A 423 5.58 7.65 -1.99
CA ILE A 423 6.95 8.13 -1.81
C ILE A 423 7.92 7.00 -1.53
N GLY A 424 7.41 5.82 -1.18
CA GLY A 424 8.27 4.72 -0.83
C GLY A 424 8.21 3.60 -1.84
N MET A 425 7.77 3.93 -3.07
CA MET A 425 7.68 2.94 -4.12
C MET A 425 9.00 2.22 -4.34
N ARG A 426 10.07 2.99 -4.60
CA ARG A 426 11.38 2.40 -4.79
CA ARG A 426 11.38 2.40 -4.79
C ARG A 426 11.77 1.52 -3.60
N PHE A 427 11.60 2.05 -2.39
CA PHE A 427 11.98 1.27 -1.21
C PHE A 427 11.14 0.00 -1.10
N ALA A 428 9.85 0.09 -1.39
CA ALA A 428 8.98 -1.09 -1.25
C ALA A 428 9.37 -2.17 -2.25
N LEU A 429 9.64 -1.78 -3.50
CA LEU A 429 10.03 -2.75 -4.51
C LEU A 429 11.38 -3.38 -4.18
N MET A 430 12.33 -2.58 -3.69
CA MET A 430 13.63 -3.10 -3.29
C MET A 430 13.51 -3.99 -2.05
N ASN A 431 12.68 -3.58 -1.09
CA ASN A 431 12.52 -4.36 0.13
C ASN A 431 11.88 -5.71 -0.15
N MET A 432 10.82 -5.73 -0.97
CA MET A 432 10.13 -6.98 -1.29
C MET A 432 10.97 -7.89 -2.18
N LYS A 433 11.80 -7.32 -3.05
CA LYS A 433 12.58 -8.14 -3.97
C LYS A 433 13.77 -8.78 -3.27
N LEU A 434 14.42 -8.06 -2.35
CA LEU A 434 15.48 -8.68 -1.57
C LEU A 434 14.94 -9.84 -0.73
N ALA A 435 13.70 -9.72 -0.26
CA ALA A 435 13.07 -10.82 0.46
C ALA A 435 12.88 -12.03 -0.44
N LEU A 436 12.28 -11.80 -1.62
CA LEU A 436 11.95 -12.90 -2.51
C LEU A 436 13.19 -13.62 -3.04
N ILE A 437 14.23 -12.86 -3.36
CA ILE A 437 15.44 -13.47 -3.92
C ILE A 437 16.04 -14.46 -2.92
N ARG A 438 16.23 -14.03 -1.68
CA ARG A 438 16.82 -14.91 -0.67
C ARG A 438 15.93 -16.09 -0.35
N VAL A 439 14.60 -15.88 -0.30
CA VAL A 439 13.69 -16.95 0.09
C VAL A 439 13.57 -17.99 -1.02
N LEU A 440 13.54 -17.55 -2.28
CA LEU A 440 13.45 -18.50 -3.38
C LEU A 440 14.77 -19.15 -3.70
N GLN A 441 15.88 -18.63 -3.16
CA GLN A 441 17.17 -19.29 -3.24
C GLN A 441 17.25 -20.52 -2.35
N ASN A 442 16.28 -20.73 -1.45
CA ASN A 442 16.38 -21.80 -0.47
C ASN A 442 15.09 -22.56 -0.22
N PHE A 443 13.99 -22.23 -0.88
CA PHE A 443 12.73 -22.89 -0.58
C PHE A 443 11.86 -22.99 -1.82
N SER A 444 11.03 -24.03 -1.85
CA SER A 444 9.90 -24.13 -2.77
C SER A 444 8.62 -24.13 -1.95
N PHE A 445 7.55 -23.60 -2.54
CA PHE A 445 6.31 -23.35 -1.82
C PHE A 445 5.17 -24.10 -2.50
N LYS A 446 4.56 -25.03 -1.77
CA LYS A 446 3.52 -25.90 -2.29
C LYS A 446 2.17 -25.55 -1.69
N PRO A 447 1.08 -25.78 -2.43
CA PRO A 447 -0.25 -25.63 -1.84
C PRO A 447 -0.49 -26.70 -0.79
N CYS A 448 -1.26 -26.34 0.22
CA CYS A 448 -1.66 -27.27 1.26
C CYS A 448 -3.14 -27.59 1.12
N LYS A 449 -3.56 -28.70 1.74
CA LYS A 449 -4.97 -29.05 1.77
C LYS A 449 -5.81 -27.92 2.32
N GLU A 450 -5.26 -27.17 3.28
CA GLU A 450 -5.93 -26.05 3.89
C GLU A 450 -5.77 -24.75 3.11
N THR A 451 -4.94 -24.75 2.07
CA THR A 451 -4.73 -23.54 1.29
C THR A 451 -6.00 -23.16 0.53
N GLN A 452 -6.43 -21.92 0.69
CA GLN A 452 -7.64 -21.41 0.02
C GLN A 452 -7.35 -21.20 -1.46
N ILE A 453 -7.86 -22.09 -2.30
CA ILE A 453 -7.73 -22.00 -3.75
C ILE A 453 -9.11 -22.17 -4.36
N PRO A 454 -9.68 -21.15 -5.03
CA PRO A 454 -9.08 -19.85 -5.28
C PRO A 454 -9.21 -18.91 -4.10
N LEU A 455 -8.15 -18.13 -3.86
CA LEU A 455 -8.15 -17.18 -2.77
C LEU A 455 -9.31 -16.20 -2.90
N LYS A 456 -10.14 -16.15 -1.87
CA LYS A 456 -11.21 -15.16 -1.80
C LYS A 456 -10.66 -13.90 -1.14
N LEU A 457 -10.91 -12.76 -1.76
CA LEU A 457 -10.52 -11.49 -1.15
C LEU A 457 -11.53 -11.08 -0.09
N SER A 458 -11.04 -10.36 0.91
CA SER A 458 -11.87 -9.98 2.03
C SER A 458 -13.09 -9.19 1.56
N LEU A 459 -14.27 -9.69 1.89
CA LEU A 459 -15.50 -8.95 1.65
C LEU A 459 -15.54 -7.65 2.43
N GLY A 460 -14.62 -7.44 3.37
CA GLY A 460 -14.54 -6.23 4.13
C GLY A 460 -14.01 -5.06 3.34
N GLY A 461 -13.27 -4.19 4.03
CA GLY A 461 -12.81 -2.96 3.44
C GLY A 461 -11.31 -2.89 3.24
N LEU A 462 -10.66 -4.04 3.25
CA LEU A 462 -9.23 -4.14 3.02
C LEU A 462 -8.95 -5.05 1.82
N LEU A 463 -7.84 -4.78 1.13
CA LEU A 463 -7.37 -5.73 0.14
C LEU A 463 -6.52 -6.74 0.89
N GLN A 464 -7.17 -7.79 1.35
CA GLN A 464 -6.54 -8.86 2.12
C GLN A 464 -7.33 -10.13 1.83
N PRO A 465 -6.72 -11.30 2.05
CA PRO A 465 -7.45 -12.55 1.76
C PRO A 465 -8.51 -12.83 2.81
N GLU A 466 -9.58 -13.49 2.36
CA GLU A 466 -10.61 -13.98 3.26
C GLU A 466 -9.97 -14.89 4.31
N LYS A 467 -9.57 -16.09 3.89
CA LYS A 467 -8.72 -16.92 4.73
C LYS A 467 -7.26 -16.57 4.52
N PRO A 468 -6.46 -16.52 5.59
CA PRO A 468 -5.03 -16.27 5.44
C PRO A 468 -4.34 -17.39 4.69
N VAL A 469 -3.21 -17.05 4.07
CA VAL A 469 -2.55 -17.95 3.12
C VAL A 469 -1.67 -18.93 3.88
N VAL A 470 -2.01 -20.22 3.80
CA VAL A 470 -1.21 -21.30 4.36
C VAL A 470 -0.60 -22.09 3.22
N LEU A 471 0.70 -22.38 3.33
CA LEU A 471 1.42 -23.07 2.26
C LEU A 471 2.46 -24.01 2.85
N LYS A 472 2.78 -25.06 2.10
CA LYS A 472 3.84 -25.98 2.47
C LYS A 472 5.18 -25.43 1.99
N VAL A 473 6.23 -25.66 2.80
CA VAL A 473 7.54 -25.09 2.54
C VAL A 473 8.57 -26.22 2.58
N GLU A 474 9.36 -26.34 1.51
CA GLU A 474 10.33 -27.41 1.37
C GLU A 474 11.72 -26.83 1.11
N SER A 475 12.74 -27.45 1.70
CA SER A 475 14.10 -26.93 1.65
CA SER A 475 14.10 -26.93 1.65
C SER A 475 14.81 -27.44 0.40
N ARG A 476 15.34 -26.52 -0.40
CA ARG A 476 16.12 -26.90 -1.57
C ARG A 476 17.47 -27.45 -1.15
CHA HEM B . 1.11 6.57 -0.85
CHB HEM B . 0.88 2.04 -2.65
CHC HEM B . 4.52 0.89 0.36
CHD HEM B . 4.94 5.46 1.94
C1A HEM B . 0.72 5.47 -1.58
C2A HEM B . -0.33 5.42 -2.58
C3A HEM B . -0.40 4.19 -3.07
C4A HEM B . 0.61 3.38 -2.42
CMA HEM B . -1.39 3.71 -4.16
CAA HEM B . -1.24 6.60 -3.01
CBA HEM B . -0.67 7.19 -4.30
CGA HEM B . -1.58 8.25 -4.88
O1A HEM B . -1.34 8.64 -6.05
O2A HEM B . -2.53 8.70 -4.20
C1B HEM B . 1.88 1.34 -2.02
C2B HEM B . 2.27 -0.03 -2.29
C3B HEM B . 3.28 -0.35 -1.44
C4B HEM B . 3.56 0.81 -0.63
CMB HEM B . 1.61 -0.94 -3.37
CAB HEM B . 4.09 -1.66 -1.27
CBB HEM B . 3.92 -2.78 -2.00
C1C HEM B . 5.00 2.01 1.00
C2C HEM B . 6.17 2.08 1.85
C3C HEM B . 6.31 3.34 2.28
C4C HEM B . 5.21 4.13 1.74
CMC HEM B . 7.14 0.93 2.19
CAC HEM B . 7.47 3.79 3.21
CBC HEM B . 7.67 5.06 3.53
C1D HEM B . 3.88 6.15 1.38
C2D HEM B . 3.46 7.49 1.71
C3D HEM B . 2.40 7.78 0.93
C4D HEM B . 2.12 6.65 0.09
CMD HEM B . 4.13 8.39 2.76
CAD HEM B . 1.61 9.11 0.90
CBD HEM B . 2.32 10.06 -0.06
CGD HEM B . 1.72 11.45 0.01
O1D HEM B . 2.47 12.43 -0.28
O2D HEM B . 0.52 11.56 0.35
NA HEM B . 1.27 4.20 -1.52
NB HEM B . 2.68 1.82 -1.00
NC HEM B . 4.44 3.28 0.97
ND HEM B . 3.05 5.66 0.39
FE HEM B . 2.91 3.77 -0.33
C01 QES C . -11.05 8.16 2.03
C02 QES C . -9.81 7.54 2.74
C03 QES C . -9.90 6.04 2.49
C04 QES C . -9.99 7.84 4.25
C06 QES C . -7.27 7.46 2.69
C09 QES C . -5.49 6.94 4.52
C10 QES C . -5.51 7.07 6.10
C12 QES C . -2.48 7.77 5.70
C13 QES C . -1.70 6.61 6.33
C15 QES C . -2.43 4.76 8.04
C16 QES C . -1.41 5.06 8.97
C17 QES C . -1.18 4.30 10.12
C18 QES C . -1.98 3.19 10.41
C19 QES C . -3.01 2.86 9.51
C20 QES C . -3.23 3.64 8.34
C21 QES C . -0.62 6.02 5.38
C24 QES C . 0.94 4.09 4.72
C25 QES C . 0.59 3.38 3.39
C26 QES C . 1.39 3.60 2.24
C28 QES C . 0.13 2.20 0.86
C29 QES C . -0.73 1.91 1.93
C30 QES C . -0.48 2.50 3.19
C31 QES C . -5.30 5.43 4.13
C32 QES C . -4.44 5.12 2.95
C33 QES C . -4.40 3.86 2.29
C35 QES C . -2.93 5.23 1.16
C36 QES C . -3.51 5.98 2.21
C37 QES C . -3.10 7.32 2.34
C38 QES C . -2.16 7.89 1.49
C39 QES C . -1.61 7.13 0.44
C40 QES C . -1.98 5.79 0.26
N08 QES C . -6.68 7.63 3.97
N14 QES C . -2.63 5.57 6.85
N23 QES C . -0.11 4.74 5.55
N27 QES C . 1.17 3.04 1.04
N34 QES C . -3.47 3.93 1.19
O05 QES C . -8.49 8.06 2.31
O07 QES C . -6.53 6.98 1.78
O22 QES C . -0.17 6.71 4.44
S11 QES C . -4.05 8.10 6.70
#